data_4ZEC
#
_entry.id   4ZEC
#
_cell.length_a   77.180
_cell.length_b   114.170
_cell.length_c   111.670
_cell.angle_alpha   90.00
_cell.angle_beta   90.00
_cell.angle_gamma   90.00
#
_symmetry.space_group_name_H-M   'C 2 2 21'
#
loop_
_entity.id
_entity.type
_entity.pdbx_description
1 polymer 'ABC transporter, substrate binding protein (Agrocinopines A and B)'
2 non-polymer '[(2R,3R,4S,5S,6R)-6-(hydroxymethyl)-2,4,5-tris(oxidanyl)oxan-3-yl]oxy-N-[9-[(2R,3S,5R)-5-[[[(2R,3S)-4-methyl-2,3-bis(oxidanyl)pentanoyl]amino]-oxidanyl-phosphoryl]oxy-3-oxidanyl-oxolan-2-yl]purin-6-yl]phosphonamidic acid'
3 non-polymer DI(HYDROXYETHYL)ETHER
4 non-polymer GLYCEROL
5 non-polymer 1,2-ETHANEDIOL
6 water water
#
_entity_poly.entity_id   1
_entity_poly.type   'polypeptide(L)'
_entity_poly.pdbx_seq_one_letter_code
;RRALRLGVNGLPNSLEPVNAISNVGPRIVNQIFDTLIARDFFAKGAPGNAIDLVPALAESWERIDEKSVRFKLRQKVMFH
DGVELTADDVAYTFSSERLWGPEAIKKIPLGKSYSLDFDEPVVEDKYTVTLRTKTPSYLIETFVASWMSRIVPKEYYKKL
GAVDFGNKPVGTGPYKFVEFVAGDRVVLEANDAYWGPKPTASKITYQIVAEPATRVAGLISGEYDIITTLTPDDIQLINS
YPDLETRGTLIENFHMFTFNMNQEVFKDKKLRRALALAVNRPIMVEALWKKQASIPAGFNFPNYGETFDPKRKAMEYNVE
EAKRLVKESGYDGTPITYHTMGNYYANAMPALMMMIEMWKQIGVNVVMKTYAPGSFPPDNQTWMRNWSNGQWMTDAYATI
VPEFGPNGQVQKRWGWKAPAEFNELCQKVTVLPNGKERFDAYNRMRDIFEEEAPAVILYQPYDVYAARKDVHWKPVSFEM
MEFRNNLSFG
;
_entity_poly.pdbx_strand_id   A
#
# COMPACT_ATOMS: atom_id res chain seq x y z
N ARG A 1 -23.92 14.80 15.29
CA ARG A 1 -22.49 14.97 15.01
C ARG A 1 -22.23 15.83 13.76
N ARG A 2 -20.96 16.07 13.44
CA ARG A 2 -20.59 16.88 12.30
C ARG A 2 -20.14 15.97 11.13
N ALA A 3 -20.55 16.31 9.89
CA ALA A 3 -20.15 15.56 8.70
C ALA A 3 -18.72 15.94 8.30
N LEU A 4 -17.85 14.95 8.19
CA LEU A 4 -16.44 15.12 7.83
C LEU A 4 -16.26 15.21 6.32
N ARG A 5 -15.61 16.26 5.82
CA ARG A 5 -15.37 16.43 4.38
C ARG A 5 -13.87 16.32 4.07
N LEU A 6 -13.48 15.31 3.28
CA LEU A 6 -12.07 15.11 2.92
C LEU A 6 -11.80 15.35 1.45
N GLY A 7 -10.77 16.11 1.14
CA GLY A 7 -10.32 16.36 -0.22
C GLY A 7 -9.17 15.41 -0.46
N VAL A 8 -9.40 14.35 -1.28
CA VAL A 8 -8.39 13.32 -1.54
C VAL A 8 -7.76 13.37 -2.96
N ASN A 9 -6.63 12.70 -3.14
CA ASN A 9 -5.88 12.61 -4.41
C ASN A 9 -6.54 11.64 -5.41
N GLY A 10 -7.29 10.69 -4.89
CA GLY A 10 -7.95 9.69 -5.71
C GLY A 10 -8.81 8.74 -4.94
N LEU A 11 -9.48 7.86 -5.68
CA LEU A 11 -10.36 6.82 -5.17
C LEU A 11 -9.96 5.50 -5.80
N PRO A 12 -10.20 4.38 -5.09
CA PRO A 12 -9.95 3.07 -5.71
C PRO A 12 -11.05 2.72 -6.74
N ASN A 13 -10.83 1.68 -7.57
CA ASN A 13 -11.86 1.21 -8.51
C ASN A 13 -12.88 0.30 -7.81
N SER A 14 -12.61 -0.13 -6.58
CA SER A 14 -13.48 -1.03 -5.86
C SER A 14 -13.34 -0.81 -4.35
N LEU A 15 -14.41 -1.12 -3.64
CA LEU A 15 -14.45 -1.08 -2.19
C LEU A 15 -14.34 -2.49 -1.57
N GLU A 16 -14.13 -3.54 -2.41
CA GLU A 16 -13.83 -4.92 -2.02
C GLU A 16 -12.41 -4.74 -1.39
N PRO A 17 -12.30 -5.03 -0.08
CA PRO A 17 -11.08 -4.65 0.67
C PRO A 17 -9.73 -5.08 0.07
N VAL A 18 -9.65 -6.21 -0.63
CA VAL A 18 -8.39 -6.63 -1.25
C VAL A 18 -8.18 -5.88 -2.59
N ASN A 19 -9.25 -5.70 -3.38
CA ASN A 19 -9.14 -4.94 -4.62
C ASN A 19 -8.93 -3.45 -4.40
N ALA A 20 -9.13 -2.95 -3.17
CA ALA A 20 -8.93 -1.56 -2.78
C ALA A 20 -7.53 -1.31 -2.22
N ILE A 21 -6.64 -2.34 -2.12
CA ILE A 21 -5.28 -2.14 -1.62
C ILE A 21 -4.55 -1.21 -2.63
N SER A 22 -4.20 -0.02 -2.15
CA SER A 22 -3.61 1.08 -2.89
C SER A 22 -3.31 2.23 -1.90
N ASN A 23 -2.89 3.39 -2.42
CA ASN A 23 -2.65 4.57 -1.56
C ASN A 23 -3.95 5.24 -1.16
N VAL A 24 -5.02 5.09 -1.98
CA VAL A 24 -6.31 5.77 -1.87
C VAL A 24 -7.47 4.92 -1.30
N GLY A 25 -7.31 3.61 -1.37
CA GLY A 25 -8.31 2.67 -0.89
C GLY A 25 -8.41 2.48 0.60
N PRO A 26 -7.28 2.10 1.27
CA PRO A 26 -7.32 1.82 2.71
C PRO A 26 -7.91 2.89 3.63
N ARG A 27 -7.85 4.18 3.27
CA ARG A 27 -8.42 5.23 4.11
C ARG A 27 -9.95 5.19 4.18
N ILE A 28 -10.58 4.51 3.20
CA ILE A 28 -12.01 4.27 3.08
C ILE A 28 -12.35 2.89 3.65
N VAL A 29 -11.71 1.79 3.16
CA VAL A 29 -12.04 0.42 3.62
C VAL A 29 -11.68 0.19 5.12
N ASN A 30 -10.78 1.02 5.68
CA ASN A 30 -10.48 0.98 7.10
C ASN A 30 -11.74 1.39 7.92
N GLN A 31 -12.64 2.19 7.33
CA GLN A 31 -13.87 2.61 8.00
C GLN A 31 -14.96 1.60 7.83
N ILE A 32 -15.09 1.02 6.64
CA ILE A 32 -16.18 0.05 6.39
C ILE A 32 -15.91 -1.30 7.06
N PHE A 33 -14.64 -1.72 7.11
CA PHE A 33 -14.31 -3.04 7.63
C PHE A 33 -13.53 -3.05 8.95
N ASP A 34 -13.36 -4.26 9.51
CA ASP A 34 -12.52 -4.58 10.65
C ASP A 34 -11.65 -5.81 10.30
N THR A 35 -10.55 -5.95 11.00
CA THR A 35 -9.66 -7.09 10.89
C THR A 35 -9.78 -7.93 12.18
N LEU A 36 -9.19 -9.14 12.23
CA LEU A 36 -9.22 -9.94 13.46
C LEU A 36 -8.27 -9.32 14.45
N ILE A 37 -7.06 -9.04 14.01
CA ILE A 37 -6.07 -8.36 14.82
C ILE A 37 -5.92 -6.98 14.21
N ALA A 38 -5.75 -5.97 15.06
CA ALA A 38 -5.54 -4.61 14.57
C ALA A 38 -4.21 -4.07 15.11
N ARG A 39 -3.68 -3.03 14.46
CA ARG A 39 -2.46 -2.38 14.91
C ARG A 39 -2.86 -1.14 15.73
N ASP A 40 -2.27 -0.98 16.91
CA ASP A 40 -2.52 0.19 17.74
C ASP A 40 -1.37 1.16 17.54
N PHE A 41 -1.53 2.10 16.61
CA PHE A 41 -0.54 3.10 16.24
C PHE A 41 -0.23 4.13 17.33
N PHE A 42 -1.13 4.32 18.27
CA PHE A 42 -0.97 5.31 19.31
C PHE A 42 -0.57 4.73 20.68
N ALA A 43 -0.21 3.42 20.75
CA ALA A 43 0.22 2.76 21.98
C ALA A 43 1.43 3.42 22.62
N LYS A 44 1.42 3.55 23.95
CA LYS A 44 2.47 4.15 24.77
C LYS A 44 2.92 5.53 24.28
N GLY A 45 1.96 6.42 24.06
CA GLY A 45 2.17 7.78 23.60
C GLY A 45 2.92 7.92 22.29
N ALA A 46 2.78 6.95 21.38
CA ALA A 46 3.49 7.00 20.11
C ALA A 46 2.81 7.95 19.13
N PRO A 47 3.59 8.65 18.29
CA PRO A 47 2.98 9.60 17.36
C PRO A 47 2.40 8.96 16.10
N GLY A 48 1.63 7.89 16.28
CA GLY A 48 0.96 7.21 15.18
C GLY A 48 1.84 6.20 14.46
N ASN A 49 2.89 5.69 15.10
CA ASN A 49 3.79 4.72 14.47
C ASN A 49 4.04 3.45 15.28
N ALA A 50 3.29 3.27 16.37
CA ALA A 50 3.48 2.11 17.25
C ALA A 50 3.12 0.84 16.51
N ILE A 51 3.94 -0.19 16.71
CA ILE A 51 3.76 -1.45 16.03
C ILE A 51 2.98 -2.50 16.82
N ASP A 52 2.36 -2.09 17.93
CA ASP A 52 1.62 -2.97 18.84
C ASP A 52 0.43 -3.59 18.16
N LEU A 53 0.18 -4.88 18.41
CA LEU A 53 -0.97 -5.58 17.85
C LEU A 53 -1.97 -5.87 18.95
N VAL A 54 -3.20 -5.39 18.81
CA VAL A 54 -4.26 -5.58 19.80
C VAL A 54 -5.41 -6.41 19.23
N PRO A 55 -6.23 -7.05 20.10
CA PRO A 55 -7.39 -7.77 19.59
C PRO A 55 -8.41 -6.83 18.96
N ALA A 56 -9.10 -7.29 17.93
CA ALA A 56 -10.14 -6.50 17.28
C ALA A 56 -11.40 -7.42 17.06
N LEU A 57 -11.62 -8.10 15.90
CA LEU A 57 -12.73 -9.03 15.78
C LEU A 57 -12.42 -10.32 16.56
N ALA A 58 -11.14 -10.71 16.64
CA ALA A 58 -10.75 -11.85 17.46
C ALA A 58 -10.44 -11.28 18.83
N GLU A 59 -11.19 -11.69 19.86
CA GLU A 59 -10.91 -11.29 21.24
C GLU A 59 -9.55 -11.90 21.69
N SER A 60 -9.20 -13.08 21.17
CA SER A 60 -7.94 -13.73 21.48
C SER A 60 -7.47 -14.64 20.33
N TRP A 61 -6.21 -15.05 20.36
CA TRP A 61 -5.67 -15.96 19.35
C TRP A 61 -4.52 -16.75 19.91
N GLU A 62 -4.32 -17.97 19.42
CA GLU A 62 -3.24 -18.82 19.88
C GLU A 62 -2.68 -19.66 18.75
N ARG A 63 -1.35 -19.60 18.58
CA ARG A 63 -0.70 -20.40 17.57
C ARG A 63 -0.71 -21.82 18.06
N ILE A 64 -1.28 -22.75 17.26
CA ILE A 64 -1.40 -24.16 17.59
C ILE A 64 -0.12 -24.86 17.18
N ASP A 65 0.38 -24.57 15.96
CA ASP A 65 1.62 -25.14 15.45
C ASP A 65 2.19 -24.24 14.33
N GLU A 66 3.28 -24.67 13.66
CA GLU A 66 3.94 -23.91 12.60
C GLU A 66 3.06 -23.64 11.36
N LYS A 67 1.86 -24.21 11.30
CA LYS A 67 0.96 -24.05 10.16
C LYS A 67 -0.39 -23.41 10.52
N SER A 68 -0.68 -23.16 11.81
CA SER A 68 -2.03 -22.70 12.16
C SER A 68 -2.16 -21.89 13.44
N VAL A 69 -3.06 -20.90 13.41
CA VAL A 69 -3.40 -20.00 14.52
C VAL A 69 -4.95 -20.06 14.73
N ARG A 70 -5.39 -20.39 15.95
CA ARG A 70 -6.80 -20.45 16.32
C ARG A 70 -7.23 -19.07 16.79
N PHE A 71 -8.35 -18.57 16.29
CA PHE A 71 -8.90 -17.28 16.69
C PHE A 71 -10.21 -17.49 17.46
N LYS A 72 -10.37 -16.75 18.57
CA LYS A 72 -11.61 -16.83 19.36
C LYS A 72 -12.27 -15.49 19.12
N LEU A 73 -13.37 -15.49 18.40
CA LEU A 73 -14.10 -14.31 17.94
C LEU A 73 -15.02 -13.65 18.94
N ARG A 74 -15.09 -12.34 18.84
CA ARG A 74 -15.96 -11.46 19.62
C ARG A 74 -17.40 -11.77 19.26
N GLN A 75 -18.27 -11.84 20.27
CA GLN A 75 -19.66 -12.21 20.05
C GLN A 75 -20.58 -11.01 19.80
N LYS A 76 -21.72 -11.28 19.10
CA LYS A 76 -22.76 -10.29 18.78
C LYS A 76 -22.30 -9.10 17.89
N VAL A 77 -21.16 -9.25 17.19
CA VAL A 77 -20.70 -8.21 16.26
C VAL A 77 -21.65 -8.23 15.07
N MET A 78 -22.11 -7.05 14.62
CA MET A 78 -23.04 -7.02 13.50
C MET A 78 -22.44 -6.42 12.24
N PHE A 79 -22.71 -7.05 11.09
CA PHE A 79 -22.40 -6.46 9.80
C PHE A 79 -23.39 -5.29 9.60
N HIS A 80 -23.10 -4.39 8.68
CA HIS A 80 -23.91 -3.20 8.44
C HIS A 80 -25.37 -3.48 8.08
N ASP A 81 -25.69 -4.73 7.69
CA ASP A 81 -27.05 -5.15 7.37
C ASP A 81 -27.73 -5.97 8.48
N GLY A 82 -27.18 -5.96 9.70
CA GLY A 82 -27.76 -6.68 10.81
C GLY A 82 -27.41 -8.16 10.93
N VAL A 83 -26.65 -8.68 9.97
CA VAL A 83 -26.23 -10.08 10.00
C VAL A 83 -25.12 -10.24 11.06
N GLU A 84 -25.21 -11.24 11.94
CA GLU A 84 -24.19 -11.44 12.96
C GLU A 84 -22.91 -12.06 12.37
N LEU A 85 -21.74 -11.52 12.75
CA LEU A 85 -20.46 -12.06 12.29
C LEU A 85 -20.22 -13.39 13.00
N THR A 86 -19.85 -14.43 12.23
CA THR A 86 -19.52 -15.74 12.78
C THR A 86 -18.19 -16.26 12.15
N ALA A 87 -17.67 -17.39 12.65
CA ALA A 87 -16.48 -18.02 12.08
C ALA A 87 -16.67 -18.36 10.59
N ASP A 88 -17.92 -18.44 10.11
CA ASP A 88 -18.24 -18.72 8.72
C ASP A 88 -17.83 -17.55 7.81
N ASP A 89 -17.99 -16.32 8.27
CA ASP A 89 -17.56 -15.14 7.51
C ASP A 89 -16.03 -15.06 7.48
N VAL A 90 -15.39 -15.43 8.61
CA VAL A 90 -13.94 -15.46 8.68
C VAL A 90 -13.37 -16.57 7.78
N ALA A 91 -13.99 -17.77 7.77
CA ALA A 91 -13.54 -18.85 6.88
C ALA A 91 -13.66 -18.47 5.40
N TYR A 92 -14.76 -17.80 5.04
CA TYR A 92 -14.99 -17.36 3.68
C TYR A 92 -13.99 -16.29 3.26
N THR A 93 -13.67 -15.36 4.19
CA THR A 93 -12.68 -14.30 3.95
C THR A 93 -11.33 -14.89 3.47
N PHE A 94 -10.86 -15.94 4.14
CA PHE A 94 -9.58 -16.57 3.81
C PHE A 94 -9.71 -17.88 3.07
N SER A 95 -10.86 -18.11 2.39
CA SER A 95 -11.15 -19.34 1.68
C SER A 95 -10.47 -19.37 0.33
N SER A 96 -10.28 -20.57 -0.19
CA SER A 96 -9.79 -20.85 -1.53
C SER A 96 -10.77 -20.23 -2.55
N GLU A 97 -12.09 -20.39 -2.31
CA GLU A 97 -13.17 -19.87 -3.15
C GLU A 97 -13.11 -18.37 -3.41
N ARG A 98 -12.90 -17.59 -2.36
CA ARG A 98 -12.91 -16.13 -2.43
C ARG A 98 -11.53 -15.49 -2.59
N LEU A 99 -10.48 -16.01 -1.93
CA LEU A 99 -9.18 -15.35 -1.91
C LEU A 99 -7.93 -16.01 -2.65
N TRP A 100 -7.49 -17.24 -2.30
CA TRP A 100 -6.21 -17.77 -2.83
C TRP A 100 -6.31 -18.95 -3.79
N GLY A 101 -7.49 -19.46 -4.01
CA GLY A 101 -7.70 -20.58 -4.92
C GLY A 101 -7.54 -20.18 -6.37
N PRO A 102 -7.43 -21.16 -7.26
CA PRO A 102 -7.32 -20.85 -8.69
C PRO A 102 -8.52 -20.09 -9.25
N GLU A 103 -9.71 -20.32 -8.68
CA GLU A 103 -10.92 -19.65 -9.11
C GLU A 103 -10.98 -18.18 -8.73
N ALA A 104 -10.28 -17.81 -7.64
CA ALA A 104 -10.29 -16.46 -7.08
C ALA A 104 -9.63 -15.40 -7.94
N ILE A 105 -8.70 -15.80 -8.80
CA ILE A 105 -7.94 -14.93 -9.72
C ILE A 105 -8.84 -13.99 -10.51
N LYS A 106 -10.00 -14.50 -10.94
CA LYS A 106 -11.02 -13.80 -11.72
C LYS A 106 -11.64 -12.59 -10.93
N LYS A 107 -11.92 -12.80 -9.64
CA LYS A 107 -12.54 -11.81 -8.77
C LYS A 107 -11.51 -10.87 -8.11
N ILE A 108 -10.41 -11.44 -7.58
CA ILE A 108 -9.36 -10.68 -6.90
C ILE A 108 -8.04 -10.99 -7.62
N PRO A 109 -7.74 -10.22 -8.69
CA PRO A 109 -6.56 -10.53 -9.55
C PRO A 109 -5.24 -10.79 -8.84
N LEU A 110 -4.94 -10.03 -7.77
CA LEU A 110 -3.70 -10.14 -7.01
C LEU A 110 -3.81 -10.93 -5.68
N GLY A 111 -4.99 -11.49 -5.39
CA GLY A 111 -5.26 -12.20 -4.15
C GLY A 111 -4.35 -13.39 -3.87
N LYS A 112 -4.18 -14.25 -4.87
CA LYS A 112 -3.31 -15.42 -4.72
C LYS A 112 -1.83 -15.00 -4.58
N SER A 113 -1.34 -14.13 -5.47
CA SER A 113 0.06 -13.68 -5.40
C SER A 113 0.43 -12.98 -4.08
N TYR A 114 -0.54 -12.26 -3.44
CA TYR A 114 -0.32 -11.55 -2.16
C TYR A 114 -0.61 -12.39 -0.92
N SER A 115 -1.20 -13.57 -1.09
CA SER A 115 -1.54 -14.44 0.02
C SER A 115 -0.40 -15.38 0.38
N LEU A 116 -0.43 -15.87 1.64
CA LEU A 116 0.46 -16.90 2.10
C LEU A 116 0.04 -18.24 1.42
N ASP A 117 0.80 -19.33 1.64
CA ASP A 117 0.46 -20.64 1.09
C ASP A 117 -0.68 -21.25 1.93
N PHE A 118 -1.86 -20.65 1.89
CA PHE A 118 -3.00 -21.08 2.68
C PHE A 118 -3.57 -22.47 2.36
N ASP A 119 -4.09 -23.09 3.41
CA ASP A 119 -4.92 -24.27 3.46
C ASP A 119 -6.31 -23.71 3.85
N GLU A 120 -7.38 -24.50 3.65
CA GLU A 120 -8.72 -24.04 3.99
C GLU A 120 -8.84 -23.78 5.49
N PRO A 121 -9.51 -22.70 5.90
CA PRO A 121 -9.72 -22.48 7.34
C PRO A 121 -10.60 -23.59 7.96
N VAL A 122 -10.49 -23.80 9.26
CA VAL A 122 -11.32 -24.77 9.96
C VAL A 122 -12.22 -24.05 10.95
N VAL A 123 -13.54 -24.19 10.81
CA VAL A 123 -14.48 -23.61 11.75
C VAL A 123 -14.65 -24.60 12.92
N GLU A 124 -14.31 -24.19 14.14
CA GLU A 124 -14.46 -25.07 15.31
C GLU A 124 -15.86 -24.96 15.90
N ASP A 125 -16.43 -23.76 15.89
CA ASP A 125 -17.77 -23.40 16.34
C ASP A 125 -18.13 -21.98 15.85
N LYS A 126 -19.36 -21.51 16.08
CA LYS A 126 -19.86 -20.19 15.66
C LYS A 126 -18.88 -19.02 15.90
N TYR A 127 -18.02 -19.11 16.94
CA TYR A 127 -17.07 -18.04 17.23
C TYR A 127 -15.61 -18.50 17.34
N THR A 128 -15.25 -19.65 16.73
CA THR A 128 -13.86 -20.11 16.77
C THR A 128 -13.47 -20.62 15.41
N VAL A 129 -12.36 -20.11 14.86
CA VAL A 129 -11.89 -20.52 13.53
C VAL A 129 -10.36 -20.59 13.53
N THR A 130 -9.80 -21.59 12.83
CA THR A 130 -8.36 -21.75 12.72
C THR A 130 -7.93 -21.45 11.29
N LEU A 131 -7.02 -20.48 11.15
CA LEU A 131 -6.45 -20.06 9.88
C LEU A 131 -5.16 -20.88 9.68
N ARG A 132 -5.04 -21.53 8.51
CA ARG A 132 -3.96 -22.48 8.25
C ARG A 132 -3.21 -22.27 6.94
N THR A 133 -1.95 -22.72 6.90
CA THR A 133 -1.14 -22.75 5.70
C THR A 133 -0.78 -24.21 5.42
N LYS A 134 -0.68 -24.59 4.12
CA LYS A 134 -0.29 -25.95 3.69
C LYS A 134 1.19 -26.28 4.04
N THR A 135 2.01 -25.24 4.20
CA THR A 135 3.43 -25.37 4.54
C THR A 135 3.73 -24.51 5.77
N PRO A 136 4.82 -24.80 6.51
CA PRO A 136 5.14 -23.98 7.68
C PRO A 136 5.26 -22.48 7.40
N SER A 137 4.59 -21.67 8.22
CA SER A 137 4.59 -20.22 8.04
C SER A 137 4.39 -19.51 9.37
N TYR A 138 5.35 -18.68 9.77
CA TYR A 138 5.20 -17.86 10.97
C TYR A 138 4.68 -16.44 10.62
N LEU A 139 4.11 -16.25 9.40
CA LEU A 139 3.59 -14.98 8.90
C LEU A 139 2.08 -14.81 9.06
N ILE A 140 1.37 -15.83 9.57
CA ILE A 140 -0.09 -15.80 9.74
C ILE A 140 -0.57 -14.59 10.54
N GLU A 141 0.11 -14.31 11.65
CA GLU A 141 -0.25 -13.20 12.53
C GLU A 141 -0.14 -11.82 11.89
N THR A 142 0.99 -11.50 11.23
CA THR A 142 1.11 -10.19 10.58
C THR A 142 0.15 -10.08 9.36
N PHE A 143 -0.06 -11.17 8.62
CA PHE A 143 -1.00 -11.16 7.50
C PHE A 143 -2.43 -10.83 7.98
N VAL A 144 -2.87 -11.41 9.11
CA VAL A 144 -4.20 -11.21 9.68
C VAL A 144 -4.42 -9.76 10.19
N ALA A 145 -3.33 -9.06 10.57
CA ALA A 145 -3.44 -7.66 10.97
C ALA A 145 -3.44 -6.71 9.72
N SER A 146 -3.16 -7.22 8.52
CA SER A 146 -3.00 -6.43 7.32
C SER A 146 -4.28 -6.11 6.49
N TRP A 147 -4.09 -5.18 5.54
CA TRP A 147 -5.08 -4.77 4.56
C TRP A 147 -5.62 -5.96 3.68
N MET A 148 -4.94 -7.12 3.72
CA MET A 148 -5.37 -8.33 3.00
C MET A 148 -6.51 -9.06 3.79
N SER A 149 -6.66 -8.76 5.07
CA SER A 149 -7.47 -9.53 5.97
C SER A 149 -8.67 -8.86 6.61
N ARG A 150 -9.24 -7.85 5.95
CA ARG A 150 -10.49 -7.24 6.41
C ARG A 150 -11.61 -8.25 6.16
N ILE A 151 -12.48 -8.46 7.19
CA ILE A 151 -13.51 -9.50 7.14
C ILE A 151 -14.75 -9.10 6.35
N VAL A 152 -15.17 -9.94 5.39
CA VAL A 152 -16.34 -9.72 4.54
C VAL A 152 -17.51 -10.63 4.94
N PRO A 153 -18.76 -10.19 4.71
CA PRO A 153 -19.91 -11.07 5.02
C PRO A 153 -20.05 -12.15 3.97
N LYS A 154 -20.06 -13.42 4.38
CA LYS A 154 -20.11 -14.53 3.43
C LYS A 154 -21.36 -14.54 2.54
N GLU A 155 -22.56 -14.49 3.14
CA GLU A 155 -23.80 -14.59 2.38
C GLU A 155 -24.00 -13.43 1.43
N TYR A 156 -23.90 -12.21 1.93
CA TYR A 156 -24.07 -11.02 1.12
C TYR A 156 -23.01 -10.95 -0.02
N TYR A 157 -21.75 -11.30 0.29
CA TYR A 157 -20.65 -11.27 -0.66
C TYR A 157 -20.88 -12.28 -1.77
N LYS A 158 -21.32 -13.51 -1.42
CA LYS A 158 -21.63 -14.57 -2.40
C LYS A 158 -22.85 -14.23 -3.22
N LYS A 159 -23.85 -13.62 -2.58
CA LYS A 159 -25.09 -13.19 -3.24
C LYS A 159 -24.74 -12.16 -4.33
N LEU A 160 -23.94 -11.14 -3.98
CA LEU A 160 -23.60 -10.09 -4.93
C LEU A 160 -22.50 -10.42 -5.92
N GLY A 161 -21.55 -11.22 -5.51
CA GLY A 161 -20.34 -11.47 -6.28
C GLY A 161 -19.32 -10.40 -5.91
N ALA A 162 -18.02 -10.69 -6.08
CA ALA A 162 -16.95 -9.77 -5.75
C ALA A 162 -17.00 -8.43 -6.46
N VAL A 163 -17.42 -8.42 -7.73
CA VAL A 163 -17.51 -7.19 -8.49
C VAL A 163 -18.63 -6.30 -7.98
N ASP A 164 -19.86 -6.83 -7.91
CA ASP A 164 -20.99 -6.05 -7.39
C ASP A 164 -20.80 -5.63 -5.92
N PHE A 165 -20.12 -6.47 -5.13
CA PHE A 165 -19.81 -6.17 -3.73
C PHE A 165 -18.87 -4.95 -3.61
N GLY A 166 -17.96 -4.79 -4.55
CA GLY A 166 -17.04 -3.65 -4.57
C GLY A 166 -17.74 -2.32 -4.72
N ASN A 167 -18.94 -2.32 -5.33
CA ASN A 167 -19.77 -1.14 -5.53
C ASN A 167 -20.77 -0.92 -4.40
N LYS A 168 -21.07 -1.94 -3.57
CA LYS A 168 -22.02 -1.81 -2.46
C LYS A 168 -21.46 -2.59 -1.29
N PRO A 169 -20.36 -2.12 -0.69
CA PRO A 169 -19.72 -2.90 0.38
C PRO A 169 -20.54 -2.96 1.66
N VAL A 170 -20.38 -4.09 2.40
CA VAL A 170 -20.98 -4.32 3.71
C VAL A 170 -19.88 -4.90 4.61
N GLY A 171 -19.63 -4.28 5.77
CA GLY A 171 -18.62 -4.75 6.71
C GLY A 171 -19.08 -4.60 8.14
N THR A 172 -18.16 -4.75 9.11
CA THR A 172 -18.51 -4.59 10.53
C THR A 172 -18.01 -3.25 11.13
N GLY A 173 -17.24 -2.49 10.36
CA GLY A 173 -16.60 -1.24 10.72
C GLY A 173 -17.44 -0.07 11.21
N PRO A 174 -16.73 1.00 11.66
CA PRO A 174 -17.42 2.15 12.26
C PRO A 174 -18.25 3.00 11.31
N TYR A 175 -18.04 2.90 10.00
CA TYR A 175 -18.82 3.68 9.04
C TYR A 175 -19.40 2.78 7.98
N LYS A 176 -20.70 2.88 7.79
CA LYS A 176 -21.38 2.09 6.79
C LYS A 176 -21.35 2.82 5.43
N PHE A 177 -21.49 2.07 4.36
CA PHE A 177 -21.45 2.62 3.01
C PHE A 177 -22.76 3.34 2.64
N VAL A 178 -22.64 4.48 1.93
CA VAL A 178 -23.79 5.28 1.52
C VAL A 178 -23.84 5.43 -0.01
N GLU A 179 -22.70 5.78 -0.62
CA GLU A 179 -22.66 6.05 -2.05
C GLU A 179 -21.24 5.97 -2.61
N PHE A 180 -21.10 5.60 -3.88
CA PHE A 180 -19.83 5.51 -4.61
C PHE A 180 -20.05 6.00 -6.05
N VAL A 181 -19.57 7.20 -6.36
CA VAL A 181 -19.66 7.74 -7.71
C VAL A 181 -18.24 7.74 -8.23
N ALA A 182 -17.94 6.87 -9.21
CA ALA A 182 -16.59 6.71 -9.76
C ALA A 182 -16.09 8.03 -10.33
N GLY A 183 -14.85 8.41 -10.00
CA GLY A 183 -14.27 9.68 -10.44
C GLY A 183 -14.82 10.90 -9.74
N ASP A 184 -15.57 10.71 -8.65
CA ASP A 184 -16.15 11.82 -7.91
C ASP A 184 -16.04 11.68 -6.39
N ARG A 185 -16.80 10.74 -5.77
CA ARG A 185 -16.79 10.64 -4.32
C ARG A 185 -17.26 9.31 -3.75
N VAL A 186 -16.95 9.09 -2.46
CA VAL A 186 -17.44 7.98 -1.67
C VAL A 186 -18.03 8.65 -0.44
N VAL A 187 -19.26 8.32 -0.09
CA VAL A 187 -19.93 8.90 1.09
C VAL A 187 -20.17 7.77 2.06
N LEU A 188 -19.74 7.93 3.32
CA LEU A 188 -20.02 6.93 4.37
C LEU A 188 -20.82 7.60 5.52
N GLU A 189 -21.51 6.81 6.36
CA GLU A 189 -22.23 7.37 7.51
C GLU A 189 -21.97 6.55 8.76
N ALA A 190 -22.08 7.19 9.93
CA ALA A 190 -21.85 6.54 11.21
C ALA A 190 -22.58 5.24 11.41
N ASN A 191 -21.85 4.20 11.81
CA ASN A 191 -22.46 2.93 12.15
C ASN A 191 -22.60 3.00 13.66
N ASP A 192 -23.81 3.36 14.13
CA ASP A 192 -24.10 3.48 15.56
C ASP A 192 -24.37 2.11 16.26
N ALA A 193 -24.07 1.02 15.57
CA ALA A 193 -24.12 -0.34 16.12
C ALA A 193 -22.68 -0.93 16.17
N TYR A 194 -21.62 -0.10 15.98
CA TYR A 194 -20.21 -0.48 16.03
C TYR A 194 -19.89 -1.09 17.39
N TRP A 195 -19.10 -2.18 17.42
CA TRP A 195 -18.87 -3.02 18.58
C TRP A 195 -18.05 -2.55 19.85
N GLY A 196 -17.02 -1.70 19.84
CA GLY A 196 -16.39 -0.88 18.82
C GLY A 196 -16.34 0.57 19.27
N PRO A 197 -15.18 1.27 19.30
CA PRO A 197 -15.18 2.70 19.67
C PRO A 197 -16.07 3.52 18.71
N LYS A 198 -17.11 4.13 19.26
CA LYS A 198 -18.16 4.86 18.54
C LYS A 198 -17.69 5.92 17.52
N PRO A 199 -18.26 5.87 16.30
CA PRO A 199 -17.96 6.88 15.28
C PRO A 199 -18.29 8.30 15.75
N THR A 200 -17.37 9.24 15.56
CA THR A 200 -17.55 10.65 15.99
C THR A 200 -18.02 11.59 14.87
N ALA A 201 -18.15 11.10 13.65
CA ALA A 201 -18.66 11.89 12.54
C ALA A 201 -20.01 11.30 12.13
N SER A 202 -20.93 12.14 11.68
CA SER A 202 -22.22 11.67 11.21
C SER A 202 -22.04 11.06 9.78
N LYS A 203 -21.20 11.70 8.96
CA LYS A 203 -20.90 11.30 7.58
C LYS A 203 -19.44 11.57 7.25
N ILE A 204 -18.90 10.89 6.23
CA ILE A 204 -17.54 11.13 5.73
C ILE A 204 -17.62 11.14 4.21
N THR A 205 -17.15 12.19 3.55
CA THR A 205 -17.11 12.21 2.09
C THR A 205 -15.65 12.24 1.68
N TYR A 206 -15.29 11.37 0.78
CA TYR A 206 -13.95 11.35 0.21
C TYR A 206 -14.15 11.93 -1.18
N GLN A 207 -13.89 13.23 -1.35
CA GLN A 207 -14.06 13.95 -2.61
C GLN A 207 -12.74 14.06 -3.37
N ILE A 208 -12.68 13.53 -4.60
CA ILE A 208 -11.47 13.68 -5.40
C ILE A 208 -11.28 15.14 -5.86
N VAL A 209 -10.08 15.63 -5.60
CA VAL A 209 -9.60 16.90 -6.06
C VAL A 209 -8.22 16.52 -6.56
N ALA A 210 -8.13 16.00 -7.80
CA ALA A 210 -6.87 15.54 -8.38
C ALA A 210 -5.70 16.57 -8.31
N GLU A 211 -5.96 17.87 -8.54
CA GLU A 211 -4.91 18.89 -8.46
C GLU A 211 -4.63 19.32 -7.03
N PRO A 212 -3.38 19.16 -6.57
CA PRO A 212 -3.06 19.54 -5.19
C PRO A 212 -3.27 21.02 -4.90
N ALA A 213 -3.18 21.90 -5.93
CA ALA A 213 -3.39 23.34 -5.74
C ALA A 213 -4.87 23.63 -5.49
N THR A 214 -5.76 22.97 -6.23
CA THR A 214 -7.21 23.09 -6.04
C THR A 214 -7.62 22.49 -4.66
N ARG A 215 -6.88 21.46 -4.20
CA ARG A 215 -7.07 20.83 -2.90
C ARG A 215 -6.68 21.82 -1.79
N VAL A 216 -5.52 22.51 -1.92
CA VAL A 216 -5.09 23.54 -0.97
C VAL A 216 -6.06 24.74 -0.99
N ALA A 217 -6.47 25.20 -2.19
CA ALA A 217 -7.42 26.30 -2.30
C ALA A 217 -8.75 25.94 -1.63
N GLY A 218 -9.16 24.66 -1.77
CA GLY A 218 -10.36 24.11 -1.18
C GLY A 218 -10.30 24.17 0.34
N LEU A 219 -9.17 23.75 0.94
CA LEU A 219 -9.03 23.80 2.41
C LEU A 219 -9.10 25.26 2.93
N ILE A 220 -8.51 26.20 2.19
CA ILE A 220 -8.53 27.62 2.53
C ILE A 220 -9.94 28.29 2.35
N SER A 221 -10.85 27.67 1.58
CA SER A 221 -12.19 28.18 1.21
C SER A 221 -13.29 28.29 2.31
N GLY A 222 -13.60 27.30 3.13
CA GLY A 222 -13.01 25.98 3.24
C GLY A 222 -14.02 24.90 2.95
N GLU A 223 -13.91 24.31 1.76
CA GLU A 223 -14.78 23.23 1.32
C GLU A 223 -14.41 21.89 2.00
N TYR A 224 -13.25 21.80 2.68
CA TYR A 224 -12.76 20.59 3.30
C TYR A 224 -12.31 20.76 4.73
N ASP A 225 -12.45 19.71 5.50
CA ASP A 225 -11.98 19.61 6.87
C ASP A 225 -10.53 19.16 6.87
N ILE A 226 -10.18 18.19 6.01
CA ILE A 226 -8.82 17.63 5.88
C ILE A 226 -8.56 17.35 4.41
N ILE A 227 -7.32 17.59 3.95
CA ILE A 227 -6.86 17.26 2.61
C ILE A 227 -5.61 16.36 2.71
N THR A 228 -5.46 15.47 1.73
CA THR A 228 -4.37 14.50 1.67
C THR A 228 -3.33 14.81 0.56
N THR A 229 -2.22 14.06 0.55
CA THR A 229 -1.20 13.91 -0.49
C THR A 229 -0.58 15.24 -0.90
N LEU A 230 -0.13 15.99 0.11
CA LEU A 230 0.52 17.26 -0.10
C LEU A 230 2.04 17.09 -0.15
N THR A 231 2.72 18.18 -0.41
CA THR A 231 4.17 18.20 -0.55
C THR A 231 4.72 19.15 0.51
N PRO A 232 5.94 18.91 1.05
CA PRO A 232 6.52 19.88 2.01
C PRO A 232 6.57 21.32 1.50
N ASP A 233 6.45 21.54 0.18
CA ASP A 233 6.39 22.86 -0.45
C ASP A 233 5.11 23.66 -0.10
N ASP A 234 4.09 22.97 0.41
CA ASP A 234 2.81 23.53 0.84
C ASP A 234 2.79 23.88 2.33
N ILE A 235 3.75 23.39 3.11
CA ILE A 235 3.77 23.53 4.58
C ILE A 235 3.75 24.99 5.05
N GLN A 236 4.61 25.86 4.49
CA GLN A 236 4.66 27.26 4.93
C GLN A 236 3.33 28.03 4.73
N LEU A 237 2.72 27.93 3.56
CA LEU A 237 1.47 28.63 3.29
C LEU A 237 0.31 28.18 4.22
N ILE A 238 0.07 26.88 4.36
CA ILE A 238 -1.03 26.38 5.19
C ILE A 238 -0.86 26.74 6.66
N ASN A 239 0.34 26.56 7.17
CA ASN A 239 0.64 26.89 8.56
C ASN A 239 0.62 28.40 8.88
N SER A 240 0.59 29.30 7.87
CA SER A 240 0.47 30.74 8.17
C SER A 240 -0.98 31.11 8.55
N TYR A 241 -1.98 30.29 8.14
CA TYR A 241 -3.38 30.52 8.50
C TYR A 241 -3.61 30.11 9.95
N PRO A 242 -4.26 30.97 10.75
CA PRO A 242 -4.48 30.63 12.18
C PRO A 242 -5.39 29.42 12.45
N ASP A 243 -6.37 29.13 11.58
CA ASP A 243 -7.25 27.98 11.80
C ASP A 243 -6.85 26.72 10.99
N LEU A 244 -5.71 26.75 10.29
CA LEU A 244 -5.25 25.62 9.49
C LEU A 244 -3.87 25.14 9.93
N GLU A 245 -3.56 23.89 9.66
CA GLU A 245 -2.23 23.35 9.93
C GLU A 245 -1.97 22.08 9.15
N THR A 246 -0.69 21.80 8.91
CA THR A 246 -0.30 20.55 8.30
C THR A 246 0.04 19.55 9.39
N ARG A 247 -0.21 18.27 9.12
CA ARG A 247 0.07 17.11 9.94
C ARG A 247 0.69 16.08 8.98
N GLY A 248 1.92 15.68 9.25
CA GLY A 248 2.61 14.77 8.35
C GLY A 248 3.50 13.80 9.07
N THR A 249 3.78 12.68 8.44
CA THR A 249 4.62 11.64 9.00
C THR A 249 5.25 10.86 7.87
N LEU A 250 6.40 10.25 8.14
CA LEU A 250 7.02 9.35 7.17
C LEU A 250 6.22 8.06 7.25
N ILE A 251 5.76 7.54 6.10
CA ILE A 251 4.95 6.33 6.13
C ILE A 251 5.73 5.07 5.68
N GLU A 252 5.23 3.89 6.06
CA GLU A 252 5.81 2.59 5.69
C GLU A 252 5.46 2.22 4.26
N ASN A 253 6.01 2.99 3.36
CA ASN A 253 5.77 2.91 1.93
C ASN A 253 6.97 3.52 1.21
N PHE A 254 7.24 3.03 -0.01
CA PHE A 254 8.27 3.63 -0.81
C PHE A 254 7.73 3.93 -2.20
N HIS A 255 8.08 5.10 -2.71
CA HIS A 255 7.80 5.49 -4.08
C HIS A 255 8.92 4.92 -4.94
N MET A 256 8.61 4.61 -6.18
CA MET A 256 9.59 4.02 -7.10
C MET A 256 9.18 4.31 -8.56
N PHE A 257 10.07 3.94 -9.48
CA PHE A 257 9.72 3.87 -10.88
C PHE A 257 10.06 2.45 -11.35
N THR A 258 9.27 1.92 -12.26
CA THR A 258 9.45 0.56 -12.76
C THR A 258 9.34 0.52 -14.32
N PHE A 259 9.48 -0.66 -14.92
CA PHE A 259 9.52 -0.80 -16.35
C PHE A 259 8.62 -1.89 -16.85
N ASN A 260 8.30 -1.82 -18.13
CA ASN A 260 7.58 -2.87 -18.79
C ASN A 260 8.72 -3.64 -19.46
N MET A 261 9.17 -4.70 -18.80
CA MET A 261 10.28 -5.48 -19.30
C MET A 261 9.89 -6.39 -20.50
N ASN A 262 8.60 -6.42 -20.89
CA ASN A 262 8.18 -7.06 -22.13
C ASN A 262 8.70 -6.24 -23.34
N GLN A 263 9.03 -4.94 -23.15
CA GLN A 263 9.56 -4.10 -24.22
C GLN A 263 11.01 -4.46 -24.50
N GLU A 264 11.43 -4.38 -25.76
CA GLU A 264 12.79 -4.73 -26.21
C GLU A 264 13.91 -4.00 -25.45
N VAL A 265 13.72 -2.68 -25.19
CA VAL A 265 14.71 -1.86 -24.48
C VAL A 265 14.88 -2.22 -23.02
N PHE A 266 13.86 -2.85 -22.41
CA PHE A 266 13.95 -3.20 -21.00
C PHE A 266 14.02 -4.71 -20.72
N LYS A 267 14.30 -5.53 -21.74
CA LYS A 267 14.46 -6.96 -21.56
C LYS A 267 15.76 -7.27 -20.79
N ASP A 268 16.85 -6.57 -21.12
CA ASP A 268 18.10 -6.74 -20.40
C ASP A 268 18.26 -5.65 -19.33
N LYS A 269 18.86 -6.03 -18.19
CA LYS A 269 19.07 -5.18 -17.02
C LYS A 269 19.96 -3.96 -17.22
N LYS A 270 20.74 -3.90 -18.32
CA LYS A 270 21.72 -2.86 -18.62
C LYS A 270 21.15 -1.43 -18.66
N LEU A 271 20.08 -1.16 -19.41
CA LEU A 271 19.49 0.18 -19.46
C LEU A 271 18.67 0.51 -18.20
N ARG A 272 18.06 -0.50 -17.59
CA ARG A 272 17.33 -0.30 -16.33
C ARG A 272 18.35 0.11 -15.23
N ARG A 273 19.52 -0.53 -15.21
CA ARG A 273 20.57 -0.30 -14.23
C ARG A 273 21.24 1.06 -14.44
N ALA A 274 21.43 1.47 -15.70
CA ALA A 274 21.99 2.76 -16.07
C ALA A 274 21.06 3.88 -15.54
N LEU A 275 19.73 3.79 -15.78
CA LEU A 275 18.79 4.80 -15.32
C LEU A 275 18.80 4.88 -13.80
N ALA A 276 18.93 3.74 -13.12
CA ALA A 276 18.95 3.67 -11.66
C ALA A 276 20.21 4.32 -11.09
N LEU A 277 21.36 4.09 -11.74
CA LEU A 277 22.66 4.61 -11.32
C LEU A 277 22.78 6.14 -11.49
N ALA A 278 21.89 6.75 -12.31
CA ALA A 278 21.89 8.21 -12.52
C ALA A 278 20.88 8.94 -11.63
N VAL A 279 20.07 8.22 -10.83
CA VAL A 279 19.09 8.85 -9.94
C VAL A 279 19.78 9.47 -8.71
N ASN A 280 19.85 10.81 -8.69
CA ASN A 280 20.46 11.54 -7.57
C ASN A 280 19.37 11.77 -6.53
N ARG A 281 19.14 10.79 -5.64
CA ARG A 281 18.10 10.90 -4.62
C ARG A 281 18.35 12.01 -3.59
N PRO A 282 19.58 12.23 -3.06
CA PRO A 282 19.76 13.33 -2.11
C PRO A 282 19.33 14.72 -2.62
N ILE A 283 19.53 15.09 -3.92
CA ILE A 283 19.03 16.39 -4.40
C ILE A 283 17.51 16.41 -4.51
N MET A 284 16.90 15.28 -4.88
CA MET A 284 15.44 15.18 -4.97
C MET A 284 14.81 15.39 -3.58
N VAL A 285 15.45 14.82 -2.54
CA VAL A 285 15.05 14.96 -1.15
C VAL A 285 15.16 16.42 -0.68
N GLU A 286 16.13 17.21 -1.21
CA GLU A 286 16.24 18.64 -0.87
C GLU A 286 15.21 19.48 -1.68
N ALA A 287 15.31 19.45 -3.02
CA ALA A 287 14.50 20.23 -3.96
C ALA A 287 13.01 20.08 -3.79
N LEU A 288 12.57 18.85 -3.55
CA LEU A 288 11.15 18.55 -3.50
C LEU A 288 10.60 18.20 -2.14
N TRP A 289 11.41 17.57 -1.29
CA TRP A 289 10.92 17.11 -0.01
C TRP A 289 11.41 17.91 1.20
N LYS A 290 12.36 18.85 1.01
CA LYS A 290 12.92 19.68 2.07
C LYS A 290 13.43 18.84 3.25
N LYS A 291 14.15 17.75 2.93
CA LYS A 291 14.73 16.75 3.86
C LYS A 291 13.67 15.83 4.51
N GLN A 292 12.40 15.98 4.15
CA GLN A 292 11.30 15.20 4.71
C GLN A 292 10.92 14.06 3.76
N ALA A 293 11.82 13.12 3.64
CA ALA A 293 11.74 11.87 2.89
C ALA A 293 12.99 11.09 3.30
N SER A 294 12.87 9.77 3.32
CA SER A 294 13.96 8.92 3.75
C SER A 294 14.41 7.99 2.63
N ILE A 295 15.69 7.98 2.30
CA ILE A 295 16.24 7.09 1.28
C ILE A 295 16.67 5.82 1.97
N PRO A 296 15.98 4.69 1.72
CA PRO A 296 16.37 3.45 2.40
C PRO A 296 17.60 2.78 1.77
N ALA A 297 18.38 2.03 2.58
CA ALA A 297 19.50 1.27 2.04
C ALA A 297 18.93 0.01 1.35
N GLY A 298 18.33 0.18 0.18
CA GLY A 298 17.76 -0.92 -0.58
C GLY A 298 16.33 -1.25 -0.20
N PHE A 299 15.86 -2.44 -0.60
CA PHE A 299 14.52 -2.98 -0.32
C PHE A 299 14.61 -3.54 1.11
N ASN A 300 14.78 -2.62 2.06
CA ASN A 300 15.12 -2.88 3.46
C ASN A 300 14.55 -1.76 4.34
N PHE A 301 13.60 -2.09 5.23
CA PHE A 301 12.89 -1.09 6.04
C PHE A 301 12.80 -1.50 7.49
N PRO A 302 12.88 -0.54 8.44
CA PRO A 302 12.80 -0.91 9.86
C PRO A 302 11.61 -1.77 10.30
N ASN A 303 10.44 -1.64 9.68
CA ASN A 303 9.26 -2.43 10.05
C ASN A 303 9.44 -3.95 9.79
N TYR A 304 10.48 -4.33 9.04
CA TYR A 304 10.84 -5.72 8.82
C TYR A 304 11.28 -6.43 10.12
N GLY A 305 11.64 -5.66 11.15
CA GLY A 305 12.07 -6.18 12.45
C GLY A 305 13.34 -7.01 12.36
N GLU A 306 13.21 -8.33 12.65
CA GLU A 306 14.34 -9.27 12.62
C GLU A 306 14.94 -9.48 11.22
N THR A 307 14.22 -9.06 10.16
CA THR A 307 14.75 -9.16 8.81
C THR A 307 15.13 -7.78 8.22
N PHE A 308 15.25 -6.74 9.08
CA PHE A 308 15.75 -5.44 8.65
C PHE A 308 17.27 -5.53 8.84
N ASP A 309 18.02 -5.05 7.87
CA ASP A 309 19.46 -4.99 7.98
C ASP A 309 19.91 -3.53 8.24
N PRO A 310 20.19 -3.19 9.51
CA PRO A 310 20.64 -1.84 9.82
C PRO A 310 22.08 -1.50 9.38
N LYS A 311 22.88 -2.51 9.03
CA LYS A 311 24.26 -2.26 8.59
C LYS A 311 24.42 -2.22 7.06
N ARG A 312 23.31 -2.26 6.32
CA ARG A 312 23.32 -2.25 4.86
C ARG A 312 23.76 -0.88 4.28
N LYS A 313 24.58 -0.90 3.23
CA LYS A 313 25.09 0.29 2.57
C LYS A 313 23.97 0.97 1.78
N ALA A 314 24.10 2.30 1.57
CA ALA A 314 23.13 3.02 0.75
C ALA A 314 23.19 2.47 -0.70
N MET A 315 22.07 2.63 -1.44
CA MET A 315 22.03 2.24 -2.86
C MET A 315 23.06 3.13 -3.63
N GLU A 316 23.74 2.54 -4.63
CA GLU A 316 24.80 3.25 -5.35
C GLU A 316 24.33 4.38 -6.29
N TYR A 317 25.08 5.48 -6.28
CA TYR A 317 24.91 6.61 -7.19
C TYR A 317 26.23 6.69 -7.97
N ASN A 318 26.18 6.46 -9.29
CA ASN A 318 27.41 6.44 -10.10
C ASN A 318 27.08 6.83 -11.54
N VAL A 319 27.19 8.14 -11.85
CA VAL A 319 26.94 8.75 -13.15
C VAL A 319 27.89 8.23 -14.23
N GLU A 320 29.18 8.07 -13.89
CA GLU A 320 30.15 7.60 -14.88
C GLU A 320 29.84 6.17 -15.31
N GLU A 321 29.43 5.30 -14.36
CA GLU A 321 29.05 3.91 -14.63
C GLU A 321 27.74 3.87 -15.43
N ALA A 322 26.78 4.74 -15.09
CA ALA A 322 25.53 4.84 -15.80
C ALA A 322 25.78 5.20 -17.29
N LYS A 323 26.66 6.20 -17.55
CA LYS A 323 27.03 6.63 -18.90
C LYS A 323 27.57 5.47 -19.73
N ARG A 324 28.52 4.68 -19.16
CA ARG A 324 29.13 3.52 -19.79
C ARG A 324 28.05 2.49 -20.12
N LEU A 325 27.13 2.22 -19.17
CA LEU A 325 26.07 1.25 -19.34
C LEU A 325 25.10 1.65 -20.47
N VAL A 326 24.84 2.96 -20.66
CA VAL A 326 23.99 3.41 -21.78
C VAL A 326 24.72 3.11 -23.11
N LYS A 327 26.03 3.36 -23.17
CA LYS A 327 26.87 3.10 -24.34
C LYS A 327 26.96 1.60 -24.63
N GLU A 328 27.07 0.78 -23.58
CA GLU A 328 27.10 -0.66 -23.72
C GLU A 328 25.76 -1.27 -24.12
N SER A 329 24.66 -0.59 -23.83
CA SER A 329 23.33 -1.08 -24.17
C SER A 329 23.03 -0.86 -25.66
N GLY A 330 21.97 -1.48 -26.16
CA GLY A 330 21.56 -1.30 -27.55
C GLY A 330 20.74 -0.04 -27.79
N TYR A 331 20.54 0.78 -26.72
CA TYR A 331 19.78 2.03 -26.75
C TYR A 331 20.37 2.96 -27.78
N ASP A 332 19.52 3.57 -28.61
CA ASP A 332 19.96 4.38 -29.74
C ASP A 332 19.66 5.87 -29.66
N GLY A 333 19.03 6.30 -28.57
CA GLY A 333 18.65 7.71 -28.42
C GLY A 333 17.18 8.01 -28.65
N THR A 334 16.38 6.99 -28.91
CA THR A 334 14.94 7.12 -29.12
C THR A 334 14.22 7.46 -27.79
N PRO A 335 13.28 8.43 -27.78
CA PRO A 335 12.56 8.73 -26.54
C PRO A 335 11.84 7.52 -25.90
N ILE A 336 11.84 7.48 -24.57
CA ILE A 336 11.22 6.44 -23.77
C ILE A 336 10.13 7.11 -22.93
N THR A 337 8.89 6.61 -22.98
CA THR A 337 7.82 7.23 -22.19
C THR A 337 7.85 6.76 -20.74
N TYR A 338 7.41 7.64 -19.87
CA TYR A 338 7.29 7.39 -18.46
C TYR A 338 5.87 7.84 -18.12
N HIS A 339 4.99 6.88 -17.82
CA HIS A 339 3.61 7.20 -17.52
C HIS A 339 3.41 7.56 -16.04
N THR A 340 2.52 8.54 -15.79
CA THR A 340 2.18 9.03 -14.46
C THR A 340 0.77 9.56 -14.48
N MET A 341 -0.01 9.25 -13.45
CA MET A 341 -1.41 9.66 -13.33
C MET A 341 -1.43 11.01 -12.62
N GLY A 342 -0.83 12.01 -13.26
CA GLY A 342 -0.68 13.34 -12.71
C GLY A 342 0.14 13.29 -11.42
N ASN A 343 -0.39 13.88 -10.36
CA ASN A 343 0.25 13.81 -9.06
C ASN A 343 -0.53 12.93 -8.08
N TYR A 344 -0.91 11.71 -8.53
CA TYR A 344 -1.53 10.68 -7.69
C TYR A 344 -0.57 10.39 -6.51
N TYR A 345 0.73 10.28 -6.82
CA TYR A 345 1.78 10.19 -5.84
C TYR A 345 2.26 11.61 -5.63
N ALA A 346 2.47 12.04 -4.37
CA ALA A 346 3.01 13.38 -4.09
C ALA A 346 4.42 13.49 -4.72
N ASN A 347 4.66 14.62 -5.37
CA ASN A 347 5.89 14.99 -6.06
C ASN A 347 6.19 14.15 -7.29
N ALA A 348 5.22 13.38 -7.81
CA ALA A 348 5.40 12.55 -8.98
C ALA A 348 5.87 13.32 -10.23
N MET A 349 5.19 14.43 -10.59
CA MET A 349 5.58 15.18 -11.79
C MET A 349 6.87 16.01 -11.56
N PRO A 350 7.07 16.70 -10.41
CA PRO A 350 8.36 17.38 -10.21
C PRO A 350 9.53 16.40 -10.07
N ALA A 351 9.28 15.15 -9.56
CA ALA A 351 10.35 14.15 -9.45
C ALA A 351 10.76 13.64 -10.83
N LEU A 352 9.77 13.41 -11.69
CA LEU A 352 10.05 12.95 -13.04
C LEU A 352 10.83 14.03 -13.82
N MET A 353 10.40 15.30 -13.77
CA MET A 353 11.10 16.44 -14.41
C MET A 353 12.59 16.49 -14.01
N MET A 354 12.89 16.31 -12.72
CA MET A 354 14.27 16.28 -12.21
C MET A 354 15.03 15.06 -12.79
N MET A 355 14.41 13.86 -12.76
CA MET A 355 15.07 12.66 -13.27
C MET A 355 15.27 12.69 -14.76
N ILE A 356 14.36 13.36 -15.52
CA ILE A 356 14.48 13.48 -16.98
C ILE A 356 15.77 14.20 -17.33
N GLU A 357 16.11 15.24 -16.55
CA GLU A 357 17.34 16.01 -16.75
C GLU A 357 18.57 15.19 -16.37
N MET A 358 18.49 14.39 -15.28
CA MET A 358 19.57 13.49 -14.87
C MET A 358 19.89 12.46 -15.95
N TRP A 359 18.82 11.93 -16.59
CA TRP A 359 18.89 10.91 -17.62
C TRP A 359 19.41 11.46 -18.93
N LYS A 360 19.01 12.68 -19.29
CA LYS A 360 19.49 13.34 -20.51
C LYS A 360 21.02 13.52 -20.44
N GLN A 361 21.56 13.74 -19.22
CA GLN A 361 22.98 13.92 -19.02
C GLN A 361 23.79 12.61 -19.18
N ILE A 362 23.13 11.45 -19.04
CA ILE A 362 23.79 10.17 -19.30
C ILE A 362 23.46 9.62 -20.72
N GLY A 363 22.70 10.38 -21.52
CA GLY A 363 22.39 10.01 -22.89
C GLY A 363 21.04 9.36 -23.10
N VAL A 364 20.15 9.36 -22.09
CA VAL A 364 18.83 8.74 -22.25
C VAL A 364 17.75 9.81 -22.35
N ASN A 365 16.83 9.67 -23.30
CA ASN A 365 15.77 10.65 -23.46
C ASN A 365 14.45 10.10 -22.97
N VAL A 366 13.96 10.64 -21.85
CA VAL A 366 12.70 10.21 -21.27
C VAL A 366 11.65 11.30 -21.44
N VAL A 367 10.41 10.91 -21.82
CA VAL A 367 9.33 11.89 -21.98
C VAL A 367 8.16 11.57 -21.09
N MET A 368 7.62 12.61 -20.46
CA MET A 368 6.43 12.42 -19.63
C MET A 368 5.22 12.20 -20.53
N LYS A 369 4.41 11.20 -20.14
CA LYS A 369 3.14 10.90 -20.75
C LYS A 369 2.21 10.88 -19.57
N THR A 370 1.38 11.91 -19.45
CA THR A 370 0.43 11.99 -18.35
C THR A 370 -0.88 11.30 -18.74
N TYR A 371 -1.60 10.71 -17.78
CA TYR A 371 -2.88 10.05 -18.05
C TYR A 371 -3.88 10.24 -16.90
N ALA A 372 -5.18 10.25 -17.22
CA ALA A 372 -6.22 10.43 -16.21
C ALA A 372 -6.60 9.06 -15.59
N PRO A 373 -7.11 9.05 -14.33
CA PRO A 373 -7.52 7.77 -13.72
C PRO A 373 -8.53 6.99 -14.56
N GLY A 374 -8.25 5.70 -14.73
CA GLY A 374 -9.07 4.83 -15.57
C GLY A 374 -8.61 4.78 -17.02
N SER A 375 -7.69 5.68 -17.42
CA SER A 375 -7.21 5.73 -18.79
C SER A 375 -5.77 5.24 -18.94
N PHE A 376 -5.29 4.32 -18.07
CA PHE A 376 -3.94 3.75 -18.23
C PHE A 376 -3.96 2.92 -19.51
N PRO A 377 -3.02 3.18 -20.42
CA PRO A 377 -3.06 2.47 -21.72
C PRO A 377 -2.79 0.98 -21.57
N PRO A 378 -3.06 0.15 -22.60
CA PRO A 378 -2.64 -1.27 -22.50
C PRO A 378 -1.15 -1.37 -22.15
N ASP A 379 -0.73 -2.46 -21.51
CA ASP A 379 0.66 -2.67 -21.08
C ASP A 379 1.65 -2.43 -22.21
N ASN A 380 1.29 -2.91 -23.40
CA ASN A 380 2.01 -2.80 -24.67
C ASN A 380 2.38 -1.35 -25.00
N GLN A 381 1.55 -0.37 -24.59
CA GLN A 381 1.79 1.03 -24.90
C GLN A 381 2.60 1.79 -23.84
N THR A 382 3.16 1.08 -22.84
CA THR A 382 3.91 1.74 -21.78
C THR A 382 5.34 1.20 -21.67
N TRP A 383 6.28 2.04 -21.21
CA TRP A 383 7.68 1.69 -21.01
C TRP A 383 8.01 1.89 -19.50
N MET A 384 8.41 3.10 -19.07
CA MET A 384 8.63 3.39 -17.67
C MET A 384 7.31 3.88 -17.04
N ARG A 385 7.19 3.76 -15.73
CA ARG A 385 6.01 4.23 -14.98
C ARG A 385 6.34 4.35 -13.49
N ASN A 386 5.68 5.24 -12.78
CA ASN A 386 5.90 5.32 -11.32
C ASN A 386 4.97 4.33 -10.59
N TRP A 387 5.33 3.95 -9.38
CA TRP A 387 4.57 3.03 -8.56
C TRP A 387 4.98 3.22 -7.09
N SER A 388 4.31 2.56 -6.17
CA SER A 388 4.65 2.59 -4.74
C SER A 388 4.34 1.22 -4.11
N ASN A 389 5.01 0.90 -3.00
CA ASN A 389 4.77 -0.36 -2.31
C ASN A 389 4.64 -0.09 -0.80
N GLY A 390 3.50 -0.44 -0.24
CA GLY A 390 3.28 -0.33 1.20
C GLY A 390 3.81 -1.58 1.87
N GLN A 391 4.73 -1.45 2.83
CA GLN A 391 5.32 -2.59 3.51
C GLN A 391 4.35 -3.03 4.60
N TRP A 392 3.47 -3.97 4.25
CA TRP A 392 2.32 -4.36 5.05
C TRP A 392 2.48 -5.51 6.05
N MET A 393 3.71 -5.97 6.30
CA MET A 393 4.04 -7.02 7.25
C MET A 393 5.17 -6.58 8.19
N THR A 394 5.25 -7.20 9.37
CA THR A 394 6.37 -6.96 10.28
C THR A 394 7.48 -7.95 9.92
N ASP A 395 7.81 -8.04 8.62
CA ASP A 395 8.77 -9.01 8.08
C ASP A 395 9.13 -8.61 6.63
N ALA A 396 10.33 -9.00 6.14
CA ALA A 396 10.81 -8.65 4.80
C ALA A 396 10.13 -9.39 3.67
N TYR A 397 9.18 -10.31 3.97
CA TYR A 397 8.49 -11.05 2.93
C TYR A 397 7.75 -10.10 1.99
N ALA A 398 7.00 -9.14 2.58
CA ALA A 398 6.27 -8.11 1.86
C ALA A 398 7.21 -6.87 1.77
N THR A 399 7.38 -6.28 0.59
CA THR A 399 6.67 -6.65 -0.63
C THR A 399 7.55 -7.26 -1.69
N ILE A 400 8.82 -7.62 -1.37
CA ILE A 400 9.69 -8.18 -2.38
C ILE A 400 9.14 -9.51 -2.95
N VAL A 401 8.54 -10.40 -2.10
CA VAL A 401 8.04 -11.67 -2.62
C VAL A 401 6.66 -11.49 -3.27
N PRO A 402 5.61 -10.96 -2.60
CA PRO A 402 4.31 -10.82 -3.29
C PRO A 402 4.39 -10.05 -4.62
N GLU A 403 5.17 -8.97 -4.68
CA GLU A 403 5.27 -8.17 -5.91
C GLU A 403 6.33 -8.65 -6.91
N PHE A 404 7.55 -8.92 -6.44
CA PHE A 404 8.66 -9.26 -7.33
C PHE A 404 9.05 -10.71 -7.36
N GLY A 405 8.33 -11.57 -6.65
CA GLY A 405 8.62 -13.01 -6.62
C GLY A 405 8.23 -13.75 -7.88
N PRO A 406 8.55 -15.06 -7.95
CA PRO A 406 8.25 -15.87 -9.15
C PRO A 406 6.77 -15.94 -9.57
N ASN A 407 5.84 -15.81 -8.61
CA ASN A 407 4.41 -15.84 -8.92
C ASN A 407 3.76 -14.43 -8.92
N GLY A 408 4.58 -13.38 -8.86
CA GLY A 408 4.08 -12.01 -8.82
C GLY A 408 3.85 -11.36 -10.16
N GLN A 409 3.16 -10.21 -10.15
CA GLN A 409 2.85 -9.45 -11.35
C GLN A 409 4.08 -8.83 -12.06
N VAL A 410 5.18 -8.54 -11.33
CA VAL A 410 6.35 -7.92 -11.96
C VAL A 410 7.02 -8.89 -12.95
N GLN A 411 7.05 -10.18 -12.60
CA GLN A 411 7.61 -11.19 -13.47
C GLN A 411 6.57 -11.71 -14.44
N LYS A 412 5.38 -12.04 -13.95
CA LYS A 412 4.34 -12.65 -14.78
C LYS A 412 3.60 -11.71 -15.73
N ARG A 413 3.43 -10.44 -15.37
CA ARG A 413 2.70 -9.49 -16.20
C ARG A 413 3.68 -8.52 -16.86
N TRP A 414 4.61 -8.01 -16.08
CA TRP A 414 5.52 -6.99 -16.57
C TRP A 414 6.82 -7.49 -17.16
N GLY A 415 6.98 -8.81 -17.27
CA GLY A 415 8.09 -9.44 -17.98
C GLY A 415 9.49 -9.49 -17.41
N TRP A 416 9.68 -9.28 -16.10
CA TRP A 416 11.02 -9.39 -15.52
C TRP A 416 11.51 -10.83 -15.51
N LYS A 417 12.56 -11.09 -16.29
CA LYS A 417 13.19 -12.39 -16.31
C LYS A 417 14.18 -12.42 -15.14
N ALA A 418 13.70 -12.71 -13.93
CA ALA A 418 14.55 -12.73 -12.75
C ALA A 418 15.50 -13.92 -12.78
N PRO A 419 16.74 -13.78 -12.24
CA PRO A 419 17.66 -14.93 -12.23
C PRO A 419 17.07 -16.09 -11.44
N ALA A 420 17.50 -17.33 -11.74
CA ALA A 420 17.01 -18.51 -11.01
C ALA A 420 17.25 -18.39 -9.50
N GLU A 421 18.43 -17.87 -9.15
CA GLU A 421 18.86 -17.70 -7.78
C GLU A 421 17.90 -16.80 -6.97
N PHE A 422 17.39 -15.71 -7.59
CA PHE A 422 16.43 -14.82 -6.95
C PHE A 422 15.14 -15.57 -6.61
N ASN A 423 14.64 -16.39 -7.53
CA ASN A 423 13.40 -17.14 -7.30
C ASN A 423 13.57 -18.31 -6.31
N GLU A 424 14.78 -18.88 -6.22
CA GLU A 424 15.06 -19.95 -5.25
C GLU A 424 15.09 -19.39 -3.81
N LEU A 425 15.70 -18.19 -3.65
CA LEU A 425 15.76 -17.50 -2.36
C LEU A 425 14.36 -17.02 -1.91
N CYS A 426 13.48 -16.68 -2.87
CA CYS A 426 12.10 -16.29 -2.60
C CYS A 426 11.34 -17.44 -1.98
N GLN A 427 11.57 -18.66 -2.46
CA GLN A 427 10.90 -19.84 -1.92
C GLN A 427 11.47 -20.18 -0.55
N LYS A 428 12.80 -20.14 -0.42
CA LYS A 428 13.48 -20.38 0.84
C LYS A 428 13.00 -19.45 1.97
N VAL A 429 12.94 -18.11 1.74
CA VAL A 429 12.53 -17.19 2.80
C VAL A 429 11.07 -17.38 3.25
N THR A 430 10.21 -17.82 2.35
CA THR A 430 8.79 -18.06 2.62
C THR A 430 8.57 -19.20 3.63
N VAL A 431 9.48 -20.18 3.64
CA VAL A 431 9.31 -21.35 4.47
C VAL A 431 10.40 -21.49 5.55
N LEU A 432 11.53 -20.77 5.42
CA LEU A 432 12.57 -20.82 6.44
C LEU A 432 12.17 -19.97 7.63
N PRO A 433 12.44 -20.44 8.86
CA PRO A 433 12.17 -19.58 10.04
C PRO A 433 13.25 -18.49 10.19
N ASN A 434 13.06 -17.52 11.13
CA ASN A 434 14.11 -16.48 11.32
C ASN A 434 15.44 -17.11 11.77
N GLY A 435 16.50 -16.64 11.16
CA GLY A 435 17.84 -17.15 11.42
C GLY A 435 18.88 -16.53 10.50
N LYS A 436 20.10 -17.04 10.58
CA LYS A 436 21.25 -16.60 9.78
C LYS A 436 20.99 -16.85 8.28
N GLU A 437 20.48 -18.02 7.94
CA GLU A 437 20.19 -18.39 6.55
C GLU A 437 19.11 -17.51 5.92
N ARG A 438 18.01 -17.25 6.64
CA ARG A 438 16.92 -16.43 6.12
C ARG A 438 17.33 -14.93 5.98
N PHE A 439 18.08 -14.38 6.96
CA PHE A 439 18.57 -12.99 6.96
C PHE A 439 19.49 -12.77 5.75
N ASP A 440 20.37 -13.74 5.49
CA ASP A 440 21.31 -13.70 4.38
C ASP A 440 20.64 -13.86 3.04
N ALA A 441 19.57 -14.66 2.96
CA ALA A 441 18.85 -14.84 1.71
C ALA A 441 18.18 -13.50 1.33
N TYR A 442 17.57 -12.79 2.31
CA TYR A 442 17.01 -11.49 2.04
C TYR A 442 18.05 -10.49 1.57
N ASN A 443 19.26 -10.51 2.15
CA ASN A 443 20.32 -9.60 1.72
C ASN A 443 20.78 -9.89 0.30
N ARG A 444 20.91 -11.19 -0.06
CA ARG A 444 21.29 -11.61 -1.41
C ARG A 444 20.15 -11.25 -2.41
N MET A 445 18.88 -11.32 -1.98
CA MET A 445 17.74 -10.90 -2.78
C MET A 445 17.78 -9.39 -3.00
N ARG A 446 18.15 -8.63 -1.98
CA ARG A 446 18.29 -7.19 -2.08
C ARG A 446 19.43 -6.82 -3.04
N ASP A 447 20.54 -7.55 -2.96
CA ASP A 447 21.69 -7.32 -3.84
C ASP A 447 21.29 -7.62 -5.29
N ILE A 448 20.55 -8.71 -5.51
CA ILE A 448 20.08 -9.08 -6.83
C ILE A 448 19.13 -8.04 -7.38
N PHE A 449 18.17 -7.59 -6.57
CA PHE A 449 17.21 -6.56 -6.94
C PHE A 449 17.90 -5.29 -7.45
N GLU A 450 18.97 -4.85 -6.77
CA GLU A 450 19.69 -3.64 -7.18
C GLU A 450 20.43 -3.81 -8.49
N GLU A 451 21.04 -4.98 -8.73
CA GLU A 451 21.74 -5.19 -10.00
C GLU A 451 20.78 -5.38 -11.16
N GLU A 452 19.67 -6.06 -10.90
CA GLU A 452 18.65 -6.33 -11.92
C GLU A 452 17.82 -5.10 -12.26
N ALA A 453 17.60 -4.21 -11.27
CA ALA A 453 16.77 -3.01 -11.40
C ALA A 453 15.37 -3.25 -12.06
N PRO A 454 14.58 -4.25 -11.61
CA PRO A 454 13.23 -4.40 -12.19
C PRO A 454 12.32 -3.20 -11.83
N ALA A 455 12.63 -2.54 -10.73
CA ALA A 455 12.08 -1.31 -10.21
C ALA A 455 13.24 -0.58 -9.53
N VAL A 456 13.13 0.74 -9.44
CA VAL A 456 14.15 1.56 -8.79
C VAL A 456 13.53 2.30 -7.63
N ILE A 457 13.98 1.99 -6.39
CA ILE A 457 13.47 2.63 -5.17
C ILE A 457 13.90 4.08 -5.13
N LEU A 458 12.95 4.99 -4.88
CA LEU A 458 13.27 6.41 -4.78
C LEU A 458 13.43 6.83 -3.31
N TYR A 459 12.36 6.75 -2.52
CA TYR A 459 12.37 7.19 -1.13
C TYR A 459 11.08 6.79 -0.44
N GLN A 460 11.06 6.88 0.89
CA GLN A 460 9.86 6.74 1.68
C GLN A 460 9.35 8.17 1.77
N PRO A 461 8.16 8.42 1.21
CA PRO A 461 7.64 9.78 1.24
C PRO A 461 7.18 10.19 2.64
N TYR A 462 7.24 11.48 2.92
CA TYR A 462 6.66 12.02 4.15
C TYR A 462 5.23 12.36 3.66
N ASP A 463 4.25 11.66 4.21
CA ASP A 463 2.85 11.83 3.86
C ASP A 463 2.37 13.11 4.50
N VAL A 464 2.03 14.14 3.71
CA VAL A 464 1.60 15.42 4.27
C VAL A 464 0.12 15.68 4.10
N TYR A 465 -0.56 15.89 5.22
CA TYR A 465 -1.98 16.23 5.27
C TYR A 465 -2.12 17.67 5.77
N ALA A 466 -3.24 18.28 5.49
CA ALA A 466 -3.56 19.61 6.01
C ALA A 466 -4.99 19.54 6.52
N ALA A 467 -5.25 20.12 7.69
CA ALA A 467 -6.55 20.01 8.32
C ALA A 467 -6.98 21.29 9.01
N ARG A 468 -8.30 21.44 9.28
CA ARG A 468 -8.74 22.58 10.09
C ARG A 468 -8.29 22.24 11.52
N LYS A 469 -7.69 23.19 12.23
CA LYS A 469 -7.27 22.99 13.62
C LYS A 469 -8.40 22.49 14.53
N ASP A 470 -9.67 22.79 14.18
CA ASP A 470 -10.81 22.32 14.98
C ASP A 470 -11.27 20.88 14.60
N VAL A 471 -10.45 20.15 13.85
CA VAL A 471 -10.69 18.76 13.49
C VAL A 471 -9.47 18.03 14.04
N HIS A 472 -9.62 17.35 15.17
CA HIS A 472 -8.50 16.69 15.84
C HIS A 472 -8.35 15.29 15.30
N TRP A 473 -7.30 15.09 14.51
CA TRP A 473 -7.01 13.84 13.88
C TRP A 473 -5.50 13.76 13.68
N LYS A 474 -4.91 12.60 13.96
CA LYS A 474 -3.48 12.37 13.82
C LYS A 474 -3.11 11.33 12.78
N PRO A 475 -2.21 11.69 11.86
CA PRO A 475 -1.77 10.71 10.87
C PRO A 475 -1.08 9.47 11.45
N VAL A 476 -1.21 8.34 10.75
CA VAL A 476 -0.51 7.13 11.14
C VAL A 476 0.64 6.85 10.16
N SER A 477 1.60 6.00 10.55
CA SER A 477 2.75 5.70 9.70
C SER A 477 2.46 4.66 8.60
N PHE A 478 1.24 4.67 8.09
CA PHE A 478 0.82 3.79 7.02
C PHE A 478 -0.09 4.58 6.05
N GLU A 479 -0.27 4.08 4.82
CA GLU A 479 -1.09 4.71 3.79
C GLU A 479 -2.59 4.50 4.01
N MET A 480 -3.06 4.94 5.16
CA MET A 480 -4.47 4.84 5.56
C MET A 480 -4.82 5.94 6.56
N MET A 481 -6.11 6.20 6.77
CA MET A 481 -6.54 7.16 7.78
C MET A 481 -7.27 6.41 8.87
N GLU A 482 -6.88 6.68 10.13
CA GLU A 482 -7.51 6.03 11.26
C GLU A 482 -8.38 7.01 12.02
N PHE A 483 -9.66 6.67 12.27
CA PHE A 483 -10.55 7.57 13.04
C PHE A 483 -10.97 6.99 14.38
N ARG A 484 -10.70 5.68 14.66
CA ARG A 484 -11.03 5.04 15.93
C ARG A 484 -10.18 5.68 17.05
N ASN A 485 -10.87 6.33 18.02
CA ASN A 485 -10.25 7.06 19.12
C ASN A 485 -9.28 8.14 18.60
N ASN A 486 -9.54 8.69 17.41
CA ASN A 486 -8.61 9.61 16.77
C ASN A 486 -9.38 10.59 15.87
N LEU A 487 -10.52 11.09 16.37
CA LEU A 487 -11.32 12.02 15.62
C LEU A 487 -12.32 12.74 16.51
N SER A 488 -12.16 14.05 16.63
CA SER A 488 -13.06 14.90 17.40
C SER A 488 -13.14 16.31 16.81
N PHE A 489 -14.19 17.04 17.13
CA PHE A 489 -14.41 18.39 16.59
C PHE A 489 -14.50 19.43 17.69
N GLY A 490 -14.11 20.67 17.37
CA GLY A 490 -14.16 21.80 18.29
C GLY A 490 -13.11 21.78 19.38
#